data_6E6T
#
_entry.id   6E6T
#
_cell.length_a   80.269
_cell.length_b   80.269
_cell.length_c   77.743
_cell.angle_alpha   90.000
_cell.angle_beta   90.000
_cell.angle_gamma   90.000
#
_symmetry.space_group_name_H-M   'P 41'
#
loop_
_entity.id
_entity.type
_entity.pdbx_description
1 polymer NcmC
2 non-polymer 'SULFATE ION'
3 non-polymer (4S,5R)-4,5-dihydroxy-5-[(3E,6E)-octa-3,6-dien-1-yl]pyrrolidin-2-one
4 water water
#
_entity_poly.entity_id   1
_entity_poly.type   'polypeptide(L)'
_entity_poly.pdbx_seq_one_letter_code
;SNAMTAPRAWRPIAGGPPAGPLVLAVDFAATGRPEAAFADLVARLDPGTEVWESLQPPLGTETGMVAEDYVTRWEEEVRA
SGRRIGAVLGFCAGSAFAGELAVRLARSQPRSPRLVVFDPESPTTSTLYYQFRKVVESLAGVLGEQAAREALAEGTAAAD
RIGDVEGLGAELVRVFTAAGRAACAAADLDDEFADELTATYRSFVSYLVAAAAVDHVKCWSGAVAVSSATPTSGLNPLDP
AARAALVERELTFDVHHADLLRDPGVARAVARLLA
;
_entity_poly.pdbx_strand_id   A,B
#
loop_
_chem_comp.id
_chem_comp.type
_chem_comp.name
_chem_comp.formula
HVV non-polymer (4S,5R)-4,5-dihydroxy-5-[(3E,6E)-octa-3,6-dien-1-yl]pyrrolidin-2-one 'C12 H19 N O3'
SO4 non-polymer 'SULFATE ION' 'O4 S -2'
#
# COMPACT_ATOMS: atom_id res chain seq x y z
N ARG A 8 -22.23 24.75 6.17
CA ARG A 8 -20.96 25.20 5.60
C ARG A 8 -19.84 24.19 5.85
N ALA A 9 -18.92 24.09 4.89
CA ALA A 9 -17.89 23.08 4.90
C ALA A 9 -16.50 23.64 5.14
N TRP A 10 -16.36 24.97 5.19
CA TRP A 10 -15.08 25.63 5.39
C TRP A 10 -15.26 26.80 6.36
N ARG A 11 -14.23 27.08 7.14
CA ARG A 11 -14.21 28.16 8.11
C ARG A 11 -12.98 29.02 7.85
N PRO A 12 -13.12 30.34 7.67
CA PRO A 12 -11.93 31.19 7.56
C PRO A 12 -11.21 31.28 8.91
N ILE A 13 -9.90 31.04 8.89
CA ILE A 13 -9.10 31.13 10.11
C ILE A 13 -8.00 32.16 10.01
N ALA A 14 -7.84 32.81 8.85
CA ALA A 14 -6.90 33.90 8.70
C ALA A 14 -7.30 34.71 7.46
N GLY A 15 -7.23 36.03 7.57
CA GLY A 15 -7.77 36.90 6.51
C GLY A 15 -6.76 37.27 5.47
N GLY A 16 -7.23 37.79 4.34
CA GLY A 16 -6.37 38.21 3.24
C GLY A 16 -7.08 39.17 2.31
N PRO A 17 -6.42 39.66 1.23
CA PRO A 17 -7.01 40.62 0.32
C PRO A 17 -8.19 40.05 -0.47
N GLY A 20 -7.21 37.95 -3.98
CA GLY A 20 -5.98 37.18 -3.72
C GLY A 20 -6.30 35.74 -3.72
N PRO A 21 -5.35 34.66 -4.05
CA PRO A 21 -5.55 33.20 -4.00
C PRO A 21 -5.58 32.71 -2.57
N LEU A 22 -6.35 31.66 -2.35
CA LEU A 22 -6.71 31.19 -1.04
C LEU A 22 -5.90 29.94 -0.70
N VAL A 23 -5.65 29.72 0.60
CA VAL A 23 -5.06 28.47 1.09
C VAL A 23 -6.13 27.67 1.82
N LEU A 24 -6.28 26.38 1.47
CA LEU A 24 -7.16 25.48 2.18
C LEU A 24 -6.34 24.60 3.10
N ALA A 25 -6.86 24.34 4.30
CA ALA A 25 -6.18 23.50 5.28
C ALA A 25 -7.15 22.43 5.75
N VAL A 26 -6.76 21.16 5.61
CA VAL A 26 -7.64 20.02 5.90
C VAL A 26 -7.16 19.26 7.12
N ASP A 27 -8.05 19.08 8.09
CA ASP A 27 -7.72 18.46 9.36
C ASP A 27 -9.05 18.22 10.06
N PHE A 28 -9.03 17.40 11.10
CA PHE A 28 -10.24 17.19 11.89
C PHE A 28 -10.10 18.06 13.12
N ALA A 29 -10.88 19.13 13.18
CA ALA A 29 -10.79 20.09 14.28
C ALA A 29 -11.36 19.49 15.55
N ALA A 30 -10.58 19.52 16.63
CA ALA A 30 -10.99 18.85 17.87
C ALA A 30 -10.19 19.44 19.03
N THR A 31 -10.78 20.43 19.71
CA THR A 31 -10.15 20.99 20.89
C THR A 31 -9.91 19.89 21.92
N GLY A 32 -8.69 19.82 22.45
CA GLY A 32 -8.33 18.81 23.41
C GLY A 32 -7.36 17.77 22.90
N ARG A 33 -7.10 17.72 21.60
CA ARG A 33 -6.15 16.73 21.10
C ARG A 33 -4.74 17.16 21.47
N PRO A 34 -3.79 16.22 21.49
CA PRO A 34 -2.40 16.58 21.83
C PRO A 34 -1.70 17.40 20.76
N GLU A 35 -2.07 17.23 19.49
CA GLU A 35 -1.27 17.78 18.40
C GLU A 35 -1.63 19.22 18.12
N ALA A 36 -0.60 20.04 17.88
CA ALA A 36 -0.81 21.39 17.38
C ALA A 36 -1.66 21.36 16.11
N ALA A 37 -2.31 22.46 15.83
CA ALA A 37 -3.34 22.55 14.80
C ALA A 37 -2.94 23.61 13.77
N PHE A 38 -3.73 23.72 12.70
CA PHE A 38 -3.41 24.72 11.69
C PHE A 38 -3.53 26.16 12.22
N ALA A 39 -4.34 26.39 13.25
CA ALA A 39 -4.35 27.73 13.85
C ALA A 39 -2.96 28.10 14.36
N ASP A 40 -2.21 27.12 14.89
CA ASP A 40 -0.86 27.40 15.35
C ASP A 40 0.10 27.70 14.20
N LEU A 41 -0.10 27.03 13.06
CA LEU A 41 0.73 27.31 11.90
C LEU A 41 0.39 28.65 11.29
N VAL A 42 -0.90 28.92 11.07
CA VAL A 42 -1.24 30.15 10.36
C VAL A 42 -0.88 31.38 11.17
N ALA A 43 -0.84 31.27 12.50
CA ALA A 43 -0.39 32.38 13.33
C ALA A 43 1.02 32.80 12.96
N ARG A 44 1.80 31.87 12.43
CA ARG A 44 3.22 32.10 12.19
C ARG A 44 3.56 32.22 10.71
N LEU A 45 2.56 32.24 9.84
CA LEU A 45 2.79 32.44 8.41
C LEU A 45 2.82 33.92 8.04
N ASP A 46 3.07 34.16 6.76
CA ASP A 46 3.18 35.53 6.26
C ASP A 46 1.84 36.24 6.37
N PRO A 47 1.79 37.42 6.96
CA PRO A 47 0.53 38.18 7.03
C PRO A 47 -0.08 38.40 5.65
N GLY A 48 -1.40 38.36 5.60
CA GLY A 48 -2.10 38.46 4.34
C GLY A 48 -2.39 37.12 3.68
N THR A 49 -1.90 36.02 4.25
CA THR A 49 -2.23 34.68 3.78
C THR A 49 -3.66 34.36 4.23
N GLU A 50 -4.59 34.27 3.28
CA GLU A 50 -5.96 33.90 3.62
C GLU A 50 -6.07 32.39 3.71
N VAL A 51 -6.61 31.88 4.83
CA VAL A 51 -6.66 30.45 5.05
C VAL A 51 -8.06 30.06 5.50
N TRP A 52 -8.59 29.00 4.88
CA TRP A 52 -9.84 28.37 5.32
C TRP A 52 -9.53 26.98 5.83
N GLU A 53 -10.14 26.61 6.96
CA GLU A 53 -9.97 25.27 7.53
C GLU A 53 -11.21 24.44 7.24
N SER A 54 -10.99 23.16 6.95
CA SER A 54 -12.07 22.24 6.66
C SER A 54 -12.95 22.01 7.88
N LEU A 55 -14.26 22.12 7.69
CA LEU A 55 -15.24 21.71 8.68
C LEU A 55 -15.78 20.33 8.35
N GLN A 56 -16.07 19.56 9.38
CA GLN A 56 -16.75 18.30 9.21
C GLN A 56 -18.24 18.52 8.94
N PRO A 57 -18.91 17.54 8.37
CA PRO A 57 -20.37 17.59 8.30
C PRO A 57 -20.96 17.79 9.69
N PRO A 58 -22.10 18.45 9.80
CA PRO A 58 -22.80 18.50 11.10
C PRO A 58 -22.89 17.10 11.71
N LEU A 59 -22.70 17.02 13.02
CA LEU A 59 -22.64 15.73 13.69
C LEU A 59 -23.85 14.86 13.34
N GLY A 60 -23.56 13.63 12.93
CA GLY A 60 -24.55 12.68 12.50
C GLY A 60 -24.79 12.68 10.99
N THR A 61 -24.60 13.80 10.31
CA THR A 61 -24.83 13.78 8.87
C THR A 61 -23.71 13.13 8.08
N GLU A 62 -22.58 12.83 8.73
CA GLU A 62 -21.52 12.09 8.06
C GLU A 62 -21.85 10.61 7.92
N THR A 63 -22.87 10.13 8.63
CA THR A 63 -23.37 8.79 8.44
C THR A 63 -23.90 8.69 7.02
N GLY A 64 -23.40 7.74 6.27
CA GLY A 64 -23.79 7.60 4.89
C GLY A 64 -22.90 8.31 3.91
N MET A 65 -21.85 9.00 4.35
CA MET A 65 -20.90 9.65 3.46
C MET A 65 -19.65 8.78 3.28
N VAL A 66 -19.26 8.53 2.04
CA VAL A 66 -17.97 7.90 1.79
C VAL A 66 -16.99 8.99 1.37
N ALA A 67 -15.76 8.59 1.04
CA ALA A 67 -14.70 9.56 0.73
C ALA A 67 -15.12 10.50 -0.40
N GLU A 68 -15.73 9.94 -1.46
CA GLU A 68 -16.21 10.75 -2.56
C GLU A 68 -17.15 11.86 -2.08
N ASP A 69 -18.02 11.54 -1.13
CA ASP A 69 -18.95 12.55 -0.63
C ASP A 69 -18.27 13.60 0.22
N TYR A 70 -17.28 13.21 1.04
CA TYR A 70 -16.52 14.20 1.79
C TYR A 70 -15.86 15.19 0.84
N VAL A 71 -15.18 14.69 -0.19
CA VAL A 71 -14.41 15.56 -1.08
C VAL A 71 -15.34 16.44 -1.91
N THR A 72 -16.43 15.86 -2.44
CA THR A 72 -17.37 16.68 -3.21
C THR A 72 -17.98 17.78 -2.36
N ARG A 73 -18.29 17.50 -1.09
CA ARG A 73 -18.82 18.53 -0.21
C ARG A 73 -17.84 19.70 -0.08
N TRP A 74 -16.56 19.40 0.17
CA TRP A 74 -15.56 20.47 0.29
C TRP A 74 -15.35 21.17 -1.05
N GLU A 75 -15.29 20.39 -2.13
CA GLU A 75 -15.03 20.94 -3.45
C GLU A 75 -16.17 21.80 -3.95
N GLU A 76 -17.43 21.38 -3.72
CA GLU A 76 -18.53 22.19 -4.22
C GLU A 76 -18.59 23.54 -3.54
N GLU A 77 -18.22 23.62 -2.26
CA GLU A 77 -18.25 24.93 -1.61
C GLU A 77 -17.17 25.86 -2.19
N VAL A 78 -16.00 25.31 -2.53
CA VAL A 78 -14.99 26.11 -3.21
C VAL A 78 -15.49 26.56 -4.58
N ARG A 79 -16.12 25.67 -5.33
CA ARG A 79 -16.66 26.06 -6.64
C ARG A 79 -17.68 27.19 -6.48
N ALA A 80 -18.58 27.06 -5.50
CA ALA A 80 -19.61 28.06 -5.29
C ALA A 80 -19.03 29.40 -4.89
N SER A 81 -17.91 29.39 -4.15
CA SER A 81 -17.29 30.63 -3.69
C SER A 81 -16.69 31.44 -4.83
N GLY A 82 -16.39 30.81 -5.97
CA GLY A 82 -15.70 31.45 -7.07
C GLY A 82 -14.23 31.72 -6.83
N ARG A 83 -13.70 31.36 -5.67
CA ARG A 83 -12.31 31.67 -5.33
C ARG A 83 -11.34 30.71 -6.01
N ARG A 84 -10.14 31.21 -6.28
CA ARG A 84 -9.02 30.37 -6.73
C ARG A 84 -8.21 29.90 -5.54
N ILE A 85 -7.72 28.66 -5.62
CA ILE A 85 -6.98 28.04 -4.53
C ILE A 85 -5.50 28.02 -4.90
N GLY A 86 -4.66 28.66 -4.08
CA GLY A 86 -3.24 28.67 -4.34
C GLY A 86 -2.51 27.49 -3.73
N ALA A 87 -3.06 26.94 -2.65
CA ALA A 87 -2.38 25.85 -1.97
C ALA A 87 -3.38 25.11 -1.13
N VAL A 88 -3.15 23.80 -1.01
CA VAL A 88 -3.93 22.94 -0.12
C VAL A 88 -2.97 22.33 0.87
N LEU A 89 -3.28 22.47 2.16
CA LEU A 89 -2.49 21.89 3.24
C LEU A 89 -3.30 20.76 3.86
N GLY A 90 -2.63 19.74 4.34
CA GLY A 90 -3.28 18.74 5.17
C GLY A 90 -2.34 18.28 6.26
N PHE A 91 -2.92 17.87 7.37
CA PHE A 91 -2.19 17.33 8.50
C PHE A 91 -2.66 15.91 8.79
N CYS A 92 -1.71 14.99 8.92
CA CYS A 92 -1.97 13.61 9.35
C CYS A 92 -2.98 13.02 8.38
N ALA A 93 -4.10 12.44 8.85
CA ALA A 93 -5.05 11.82 7.92
C ALA A 93 -5.68 12.85 6.99
N GLY A 94 -5.78 14.10 7.43
CA GLY A 94 -6.24 15.16 6.56
C GLY A 94 -5.44 15.31 5.30
N SER A 95 -4.20 14.81 5.30
CA SER A 95 -3.38 14.88 4.09
C SER A 95 -4.00 14.08 2.96
N ALA A 96 -4.70 12.99 3.29
CA ALA A 96 -5.38 12.20 2.27
C ALA A 96 -6.39 13.06 1.51
N PHE A 97 -7.29 13.72 2.25
CA PHE A 97 -8.29 14.58 1.63
C PHE A 97 -7.65 15.80 0.96
N ALA A 98 -6.59 16.35 1.57
CA ALA A 98 -5.88 17.47 0.95
C ALA A 98 -5.37 17.07 -0.44
N GLY A 99 -4.75 15.90 -0.54
CA GLY A 99 -4.25 15.44 -1.83
C GLY A 99 -5.35 15.31 -2.86
N GLU A 100 -6.47 14.70 -2.47
CA GLU A 100 -7.57 14.52 -3.43
C GLU A 100 -8.14 15.87 -3.86
N LEU A 101 -8.31 16.79 -2.91
CA LEU A 101 -8.79 18.13 -3.31
C LEU A 101 -7.79 18.81 -4.23
N ALA A 102 -6.50 18.64 -3.96
CA ALA A 102 -5.49 19.31 -4.79
C ALA A 102 -5.49 18.75 -6.20
N VAL A 103 -5.67 17.43 -6.33
CA VAL A 103 -5.74 16.80 -7.65
C VAL A 103 -6.97 17.30 -8.41
N ARG A 104 -8.10 17.41 -7.72
CA ARG A 104 -9.32 17.89 -8.37
C ARG A 104 -9.21 19.35 -8.76
N LEU A 105 -8.58 20.15 -7.91
CA LEU A 105 -8.37 21.55 -8.26
C LEU A 105 -7.36 21.75 -9.36
N ALA A 106 -6.36 20.86 -9.49
CA ALA A 106 -5.49 20.92 -10.66
C ALA A 106 -6.29 20.71 -11.94
N ARG A 107 -7.37 19.93 -11.86
CA ARG A 107 -8.20 19.73 -13.05
C ARG A 107 -9.20 20.87 -13.26
N SER A 108 -9.76 21.43 -12.19
CA SER A 108 -10.77 22.47 -12.36
C SER A 108 -10.19 23.87 -12.51
N GLN A 109 -8.92 24.09 -12.15
CA GLN A 109 -8.32 25.41 -12.26
C GLN A 109 -7.35 25.48 -13.42
N PRO A 110 -7.21 26.66 -14.04
CA PRO A 110 -6.13 26.82 -15.04
C PRO A 110 -4.77 26.53 -14.48
N ARG A 111 -4.53 26.87 -13.21
CA ARG A 111 -3.22 26.71 -12.59
C ARG A 111 -3.41 25.89 -11.33
N SER A 112 -2.58 24.90 -11.15
CA SER A 112 -2.75 23.93 -10.09
C SER A 112 -2.32 24.53 -8.75
N PRO A 113 -2.99 24.19 -7.65
CA PRO A 113 -2.52 24.64 -6.34
C PRO A 113 -1.30 23.85 -5.92
N ARG A 114 -0.49 24.46 -5.04
CA ARG A 114 0.54 23.70 -4.35
C ARG A 114 -0.11 22.79 -3.32
N LEU A 115 0.56 21.68 -3.03
CA LEU A 115 0.05 20.71 -2.07
C LEU A 115 1.15 20.45 -1.06
N VAL A 116 0.88 20.75 0.20
CA VAL A 116 1.85 20.50 1.27
C VAL A 116 1.15 19.65 2.32
N VAL A 117 1.75 18.51 2.66
CA VAL A 117 1.16 17.59 3.62
C VAL A 117 2.10 17.46 4.79
N PHE A 118 1.53 17.47 6.00
CA PHE A 118 2.30 17.48 7.25
C PHE A 118 2.10 16.15 7.96
N ASP A 119 3.18 15.38 8.12
CA ASP A 119 3.16 14.01 8.64
C ASP A 119 1.99 13.24 8.02
N PRO A 120 1.96 13.10 6.70
CA PRO A 120 0.79 12.50 6.05
C PRO A 120 0.62 11.05 6.46
N GLU A 121 -0.65 10.67 6.69
CA GLU A 121 -0.97 9.30 7.05
C GLU A 121 -2.23 8.86 6.31
N SER A 122 -2.18 7.65 5.78
CA SER A 122 -3.37 6.96 5.30
C SER A 122 -3.79 6.01 6.41
N PRO A 123 -4.88 6.26 7.11
CA PRO A 123 -5.21 5.47 8.30
C PRO A 123 -5.23 3.96 8.05
N THR A 124 -4.72 3.21 9.03
CA THR A 124 -4.69 1.75 9.04
C THR A 124 -5.43 1.25 10.27
N THR A 125 -5.61 -0.07 10.38
CA THR A 125 -6.10 -0.61 11.65
C THR A 125 -5.19 -0.22 12.82
N SER A 126 -3.88 -0.13 12.60
CA SER A 126 -2.98 0.22 13.70
C SER A 126 -3.18 1.65 14.16
N THR A 127 -3.21 2.62 13.24
CA THR A 127 -3.36 4.01 13.66
C THR A 127 -4.75 4.24 14.25
N LEU A 128 -5.76 3.60 13.70
CA LEU A 128 -7.11 3.67 14.28
C LEU A 128 -7.11 3.19 15.72
N TYR A 129 -6.51 2.03 15.96
CA TYR A 129 -6.54 1.46 17.30
C TYR A 129 -5.73 2.30 18.28
N TYR A 130 -4.55 2.76 17.87
CA TYR A 130 -3.74 3.60 18.75
C TYR A 130 -4.47 4.88 19.12
N GLN A 131 -5.10 5.53 18.14
CA GLN A 131 -5.84 6.76 18.43
C GLN A 131 -7.04 6.49 19.33
N PHE A 132 -7.71 5.35 19.13
CA PHE A 132 -8.79 4.96 20.02
C PHE A 132 -8.31 4.88 21.47
N ARG A 133 -7.19 4.19 21.68
CA ARG A 133 -6.66 4.05 23.03
C ARG A 133 -6.40 5.42 23.66
N LYS A 134 -5.86 6.34 22.87
CA LYS A 134 -5.50 7.65 23.40
C LYS A 134 -6.72 8.50 23.70
N VAL A 135 -7.75 8.40 22.84
CA VAL A 135 -9.01 9.07 23.11
C VAL A 135 -9.61 8.57 24.43
N VAL A 136 -9.64 7.25 24.62
CA VAL A 136 -10.23 6.68 25.83
C VAL A 136 -9.44 7.11 27.06
N GLU A 137 -8.11 7.01 26.99
CA GLU A 137 -7.26 7.41 28.11
C GLU A 137 -7.47 8.87 28.47
N SER A 138 -7.51 9.74 27.46
CA SER A 138 -7.70 11.17 27.69
C SER A 138 -9.05 11.46 28.34
N LEU A 139 -10.05 10.61 28.11
CA LEU A 139 -11.38 10.79 28.66
C LEU A 139 -11.68 9.87 29.83
N ALA A 140 -10.65 9.26 30.42
CA ALA A 140 -10.89 8.31 31.52
C ALA A 140 -11.60 8.98 32.68
N GLY A 141 -11.38 10.29 32.86
CA GLY A 141 -12.02 10.99 33.96
C GLY A 141 -13.47 11.34 33.70
N VAL A 142 -13.83 11.59 32.44
CA VAL A 142 -15.23 11.85 32.15
C VAL A 142 -16.00 10.53 32.01
N LEU A 143 -15.36 9.51 31.43
CA LEU A 143 -16.03 8.22 31.31
C LEU A 143 -16.07 7.46 32.64
N GLY A 144 -15.14 7.73 33.55
CA GLY A 144 -15.01 6.87 34.72
C GLY A 144 -14.12 5.67 34.44
N GLU A 145 -13.48 5.16 35.50
CA GLU A 145 -12.48 4.11 35.33
C GLU A 145 -13.09 2.83 34.75
N GLN A 146 -14.34 2.55 35.10
CA GLN A 146 -15.01 1.32 34.70
C GLN A 146 -15.31 1.31 33.20
N ALA A 147 -16.00 2.35 32.72
CA ALA A 147 -16.30 2.43 31.29
C ALA A 147 -15.02 2.52 30.45
N ALA A 148 -14.00 3.23 30.97
CA ALA A 148 -12.75 3.33 30.22
C ALA A 148 -12.05 1.98 30.16
N ARG A 149 -11.98 1.27 31.29
CA ARG A 149 -11.36 -0.05 31.30
C ARG A 149 -12.05 -1.00 30.33
N GLU A 150 -13.39 -1.01 30.34
CA GLU A 150 -14.11 -1.92 29.47
C GLU A 150 -13.96 -1.53 28.02
N ALA A 151 -13.92 -0.21 27.74
CA ALA A 151 -13.69 0.24 26.38
C ALA A 151 -12.35 -0.25 25.85
N LEU A 152 -11.28 -0.14 26.66
CA LEU A 152 -9.99 -0.65 26.21
C LEU A 152 -10.02 -2.16 26.02
N ALA A 153 -10.67 -2.88 26.93
CA ALA A 153 -10.71 -4.34 26.80
C ALA A 153 -11.41 -4.75 25.52
N GLU A 154 -12.59 -4.15 25.24
CA GLU A 154 -13.32 -4.48 24.03
C GLU A 154 -12.57 -4.03 22.79
N GLY A 155 -11.93 -2.86 22.86
CA GLY A 155 -11.22 -2.36 21.70
C GLY A 155 -10.03 -3.22 21.34
N THR A 156 -9.32 -3.72 22.35
CA THR A 156 -8.25 -4.67 22.11
C THR A 156 -8.77 -5.95 21.48
N ALA A 157 -9.90 -6.47 21.98
CA ALA A 157 -10.47 -7.66 21.39
C ALA A 157 -10.86 -7.42 19.94
N ALA A 158 -11.43 -6.24 19.66
CA ALA A 158 -11.79 -5.90 18.29
C ALA A 158 -10.57 -5.83 17.39
N ALA A 159 -9.51 -5.18 17.86
CA ALA A 159 -8.28 -5.06 17.07
C ALA A 159 -7.66 -6.43 16.80
N ASP A 160 -7.88 -7.41 17.69
CA ASP A 160 -7.35 -8.75 17.49
C ASP A 160 -8.10 -9.50 16.40
N ARG A 161 -9.38 -9.17 16.17
CA ARG A 161 -10.26 -9.99 15.36
C ARG A 161 -10.64 -9.38 14.02
N ILE A 162 -10.60 -8.05 13.89
CA ILE A 162 -11.07 -7.38 12.68
C ILE A 162 -9.88 -6.84 11.91
N GLY A 163 -9.68 -7.35 10.70
CA GLY A 163 -8.48 -7.05 9.94
C GLY A 163 -8.57 -5.88 8.99
N ASP A 164 -9.76 -5.34 8.77
CA ASP A 164 -9.93 -4.26 7.82
C ASP A 164 -10.29 -2.97 8.54
N VAL A 165 -9.88 -1.86 7.93
CA VAL A 165 -10.00 -0.54 8.56
C VAL A 165 -11.47 -0.18 8.76
N GLU A 166 -12.28 -0.33 7.72
CA GLU A 166 -13.68 0.09 7.82
C GLU A 166 -14.42 -0.71 8.89
N GLY A 167 -14.19 -2.01 8.95
CA GLY A 167 -14.86 -2.83 9.97
C GLY A 167 -14.37 -2.55 11.37
N LEU A 168 -13.05 -2.37 11.54
CA LEU A 168 -12.53 -2.06 12.86
C LEU A 168 -13.06 -0.72 13.34
N GLY A 169 -13.06 0.27 12.45
CA GLY A 169 -13.61 1.57 12.81
C GLY A 169 -15.04 1.49 13.29
N ALA A 170 -15.88 0.71 12.60
CA ALA A 170 -17.28 0.62 13.00
C ALA A 170 -17.42 0.00 14.37
N GLU A 171 -16.61 -1.02 14.67
CA GLU A 171 -16.67 -1.67 15.96
C GLU A 171 -16.13 -0.77 17.07
N LEU A 172 -15.03 -0.05 16.80
CA LEU A 172 -14.53 0.85 17.83
C LEU A 172 -15.54 1.94 18.16
N VAL A 173 -16.29 2.41 17.16
CA VAL A 173 -17.35 3.38 17.42
C VAL A 173 -18.45 2.76 18.27
N ARG A 174 -18.84 1.51 17.96
CA ARG A 174 -19.80 0.81 18.81
C ARG A 174 -19.32 0.78 20.25
N VAL A 175 -18.07 0.35 20.45
CA VAL A 175 -17.46 0.25 21.78
C VAL A 175 -17.49 1.60 22.50
N PHE A 176 -17.03 2.66 21.82
CA PHE A 176 -16.96 3.97 22.45
C PHE A 176 -18.34 4.51 22.77
N THR A 177 -19.31 4.31 21.87
CA THR A 177 -20.68 4.72 22.14
C THR A 177 -21.22 4.01 23.37
N ALA A 178 -20.98 2.69 23.47
CA ALA A 178 -21.38 1.92 24.65
C ALA A 178 -20.69 2.43 25.91
N ALA A 179 -19.43 2.85 25.81
CA ALA A 179 -18.73 3.41 26.98
C ALA A 179 -19.36 4.73 27.42
N GLY A 180 -19.67 5.60 26.46
CA GLY A 180 -20.33 6.85 26.81
C GLY A 180 -21.67 6.64 27.45
N ARG A 181 -22.44 5.66 26.95
CA ARG A 181 -23.73 5.42 27.55
C ARG A 181 -23.58 4.75 28.92
N ALA A 182 -22.54 3.94 29.10
CA ALA A 182 -22.27 3.36 30.41
C ALA A 182 -21.88 4.44 31.41
N ALA A 183 -21.11 5.44 30.96
CA ALA A 183 -20.69 6.53 31.85
C ALA A 183 -21.86 7.37 32.33
N CYS A 184 -22.96 7.38 31.59
CA CYS A 184 -24.10 8.19 32.05
C CYS A 184 -24.87 7.44 33.13
N ALA A 185 -24.57 6.17 33.31
CA ALA A 185 -25.37 5.32 34.23
C ALA A 185 -24.47 4.61 35.23
N ALA A 186 -23.23 5.05 35.37
CA ALA A 186 -22.30 4.43 36.33
C ALA A 186 -21.35 5.50 36.86
N ALA A 187 -21.07 6.52 36.06
CA ALA A 187 -20.13 7.60 36.46
C ALA A 187 -20.77 8.97 36.45
N ASP A 188 -22.11 9.07 36.39
CA ASP A 188 -22.84 10.36 36.44
C ASP A 188 -22.45 11.34 35.32
N LEU A 189 -22.10 10.84 34.13
CA LEU A 189 -21.78 11.74 33.01
C LEU A 189 -23.09 12.33 32.46
N ASP A 190 -23.12 13.62 32.25
CA ASP A 190 -24.29 14.30 31.68
C ASP A 190 -24.65 13.71 30.34
N ASP A 191 -25.96 13.56 30.10
CA ASP A 191 -26.43 12.83 28.92
C ASP A 191 -26.18 13.59 27.63
N GLU A 192 -26.22 14.93 27.67
CA GLU A 192 -26.01 15.69 26.45
C GLU A 192 -24.52 15.84 26.13
N PHE A 193 -23.67 15.96 27.16
CA PHE A 193 -22.24 15.90 26.93
C PHE A 193 -21.83 14.53 26.40
N ALA A 194 -22.52 13.47 26.80
CA ALA A 194 -22.16 12.13 26.35
C ALA A 194 -22.56 11.88 24.90
N ASP A 195 -23.76 12.33 24.51
CA ASP A 195 -24.15 12.27 23.09
C ASP A 195 -23.17 13.07 22.23
N GLU A 196 -22.75 14.22 22.70
CA GLU A 196 -21.75 15.00 21.95
C GLU A 196 -20.43 14.25 21.87
N LEU A 197 -19.99 13.67 22.99
CA LEU A 197 -18.73 12.95 23.02
C LEU A 197 -18.75 11.76 22.07
N THR A 198 -19.80 10.93 22.14
CA THR A 198 -19.83 9.76 21.29
C THR A 198 -20.08 10.15 19.83
N ALA A 199 -20.85 11.21 19.58
CA ALA A 199 -21.06 11.63 18.21
C ALA A 199 -19.77 12.18 17.60
N THR A 200 -18.96 12.87 18.41
CA THR A 200 -17.71 13.43 17.90
C THR A 200 -16.70 12.33 17.57
N TYR A 201 -16.61 11.31 18.44
CA TYR A 201 -15.73 10.19 18.09
C TYR A 201 -16.23 9.47 16.85
N ARG A 202 -17.56 9.30 16.71
CA ARG A 202 -18.11 8.67 15.51
C ARG A 202 -17.70 9.45 14.26
N SER A 203 -17.84 10.78 14.31
CA SER A 203 -17.46 11.63 13.19
C SER A 203 -15.96 11.50 12.88
N PHE A 204 -15.13 11.43 13.92
CA PHE A 204 -13.70 11.27 13.74
C PHE A 204 -13.38 9.96 13.01
N VAL A 205 -13.95 8.84 13.47
CA VAL A 205 -13.66 7.58 12.79
C VAL A 205 -14.20 7.58 11.36
N SER A 206 -15.38 8.19 11.15
CA SER A 206 -15.92 8.28 9.79
C SER A 206 -14.95 9.01 8.89
N TYR A 207 -14.39 10.10 9.39
CA TYR A 207 -13.39 10.88 8.68
C TYR A 207 -12.14 10.04 8.40
N LEU A 208 -11.64 9.32 9.42
CA LEU A 208 -10.44 8.50 9.23
C LEU A 208 -10.65 7.39 8.21
N VAL A 209 -11.79 6.70 8.28
CA VAL A 209 -12.05 5.59 7.38
C VAL A 209 -12.19 6.10 5.95
N ALA A 210 -12.90 7.22 5.76
CA ALA A 210 -12.99 7.82 4.43
C ALA A 210 -11.63 8.30 3.95
N ALA A 211 -10.81 8.87 4.85
CA ALA A 211 -9.46 9.24 4.44
C ALA A 211 -8.65 8.04 3.95
N ALA A 212 -8.81 6.88 4.60
CA ALA A 212 -8.10 5.68 4.20
C ALA A 212 -8.48 5.24 2.79
N ALA A 213 -9.69 5.59 2.35
CA ALA A 213 -10.17 5.16 1.04
C ALA A 213 -9.55 5.95 -0.10
N VAL A 214 -9.01 7.15 0.19
CA VAL A 214 -8.36 7.95 -0.84
C VAL A 214 -7.13 7.22 -1.37
N ASP A 215 -6.92 7.30 -2.69
CA ASP A 215 -5.73 6.73 -3.34
C ASP A 215 -4.58 7.68 -3.04
N HIS A 216 -3.93 7.44 -1.90
CA HIS A 216 -2.91 8.38 -1.44
C HIS A 216 -1.64 8.29 -2.28
N VAL A 217 -1.36 7.13 -2.87
CA VAL A 217 -0.21 7.02 -3.78
C VAL A 217 -0.40 7.95 -4.96
N LYS A 218 -1.60 7.97 -5.54
CA LYS A 218 -1.89 8.87 -6.64
C LYS A 218 -1.84 10.32 -6.19
N CYS A 219 -2.55 10.67 -5.11
CA CYS A 219 -2.68 12.09 -4.83
C CYS A 219 -1.51 12.70 -4.06
N TRP A 220 -0.57 11.93 -3.52
CA TRP A 220 0.60 12.57 -2.91
C TRP A 220 1.81 12.64 -3.84
N SER A 221 1.67 12.17 -5.08
CA SER A 221 2.83 12.10 -5.97
C SER A 221 3.42 13.49 -6.25
N GLY A 222 2.59 14.54 -6.23
CA GLY A 222 3.04 15.91 -6.37
C GLY A 222 3.13 16.70 -5.09
N ALA A 223 3.05 16.05 -3.93
CA ALA A 223 3.05 16.77 -2.66
C ALA A 223 4.46 17.06 -2.19
N VAL A 224 4.61 18.20 -1.53
CA VAL A 224 5.73 18.44 -0.64
C VAL A 224 5.32 18.00 0.75
N ALA A 225 6.08 17.09 1.34
CA ALA A 225 5.78 16.59 2.67
C ALA A 225 6.64 17.35 3.68
N VAL A 226 6.05 17.63 4.84
CA VAL A 226 6.75 18.22 5.99
C VAL A 226 6.69 17.19 7.11
N SER A 227 7.86 16.72 7.54
CA SER A 227 7.97 15.55 8.41
C SER A 227 8.56 15.91 9.76
N SER A 228 7.94 15.41 10.82
CA SER A 228 8.47 15.54 12.18
C SER A 228 9.54 14.46 12.39
N ALA A 229 10.06 14.37 13.62
CA ALA A 229 11.01 13.32 13.97
C ALA A 229 10.39 12.15 14.73
N THR A 230 9.09 12.13 14.93
CA THR A 230 8.45 11.04 15.66
C THR A 230 8.43 9.76 14.81
N PRO A 231 9.13 8.69 15.20
CA PRO A 231 9.35 7.58 14.25
C PRO A 231 8.09 6.83 13.82
N THR A 232 7.00 6.89 14.56
CA THR A 232 5.75 6.24 14.17
C THR A 232 4.84 7.14 13.33
N SER A 233 5.21 8.40 13.13
CA SER A 233 4.31 9.37 12.52
C SER A 233 4.63 9.57 11.04
N GLY A 234 3.58 9.81 10.26
CA GLY A 234 3.77 10.30 8.91
C GLY A 234 4.51 9.31 8.04
N LEU A 235 5.51 9.82 7.32
CA LEU A 235 6.34 9.00 6.45
C LEU A 235 7.47 8.31 7.18
N ASN A 236 7.66 8.58 8.48
CA ASN A 236 8.82 8.05 9.18
C ASN A 236 8.90 6.52 9.25
N PRO A 237 7.80 5.75 9.38
CA PRO A 237 7.95 4.28 9.37
C PRO A 237 8.41 3.72 8.04
N LEU A 238 8.29 4.47 6.95
CA LEU A 238 8.58 3.94 5.62
C LEU A 238 10.08 3.81 5.39
N ASP A 239 10.44 2.84 4.59
CA ASP A 239 11.79 2.73 4.06
C ASP A 239 12.17 4.03 3.33
N PRO A 240 13.44 4.46 3.41
CA PRO A 240 13.83 5.70 2.69
C PRO A 240 13.46 5.71 1.20
N ALA A 241 13.69 4.62 0.49
CA ALA A 241 13.33 4.61 -0.93
C ALA A 241 11.82 4.73 -1.11
N ALA A 242 11.03 4.17 -0.19
CA ALA A 242 9.58 4.28 -0.28
C ALA A 242 9.12 5.71 -0.05
N ARG A 243 9.73 6.42 0.89
CA ARG A 243 9.37 7.81 1.11
C ARG A 243 9.67 8.64 -0.13
N ALA A 244 10.86 8.44 -0.69
CA ALA A 244 11.25 9.25 -1.84
C ALA A 244 10.36 8.99 -3.04
N ALA A 245 9.87 7.75 -3.18
CA ALA A 245 8.97 7.41 -4.27
C ALA A 245 7.58 7.99 -4.06
N LEU A 246 7.17 8.16 -2.80
CA LEU A 246 5.77 8.46 -2.54
C LEU A 246 5.44 9.93 -2.78
N VAL A 247 6.34 10.84 -2.41
CA VAL A 247 6.06 12.27 -2.48
C VAL A 247 7.10 12.95 -3.36
N GLU A 248 6.79 14.18 -3.77
CA GLU A 248 7.68 14.88 -4.67
C GLU A 248 8.93 15.40 -3.94
N ARG A 249 8.77 15.80 -2.69
CA ARG A 249 9.84 16.36 -1.88
C ARG A 249 9.45 16.16 -0.42
N GLU A 250 10.45 15.95 0.45
CA GLU A 250 10.15 15.79 1.87
C GLU A 250 11.13 16.62 2.68
N LEU A 251 10.63 17.60 3.40
CA LEU A 251 11.44 18.39 4.33
C LEU A 251 11.36 17.76 5.70
N THR A 252 12.47 17.75 6.43
CA THR A 252 12.44 17.13 7.75
C THR A 252 12.74 18.17 8.82
N PHE A 253 12.15 17.94 10.01
CA PHE A 253 12.26 18.85 11.14
C PHE A 253 12.45 18.03 12.41
N ASP A 254 13.35 18.52 13.27
CA ASP A 254 13.61 17.83 14.54
C ASP A 254 12.66 18.35 15.61
N VAL A 255 11.39 17.96 15.45
CA VAL A 255 10.33 18.32 16.38
C VAL A 255 9.42 17.12 16.54
N HIS A 256 8.69 17.09 17.64
CA HIS A 256 7.69 16.07 17.84
C HIS A 256 6.50 16.28 16.90
N HIS A 257 5.87 15.16 16.52
CA HIS A 257 4.64 15.18 15.73
C HIS A 257 3.65 16.18 16.29
N ALA A 258 3.47 16.17 17.61
CA ALA A 258 2.48 17.02 18.25
C ALA A 258 2.88 18.48 18.26
N ASP A 259 4.13 18.82 17.93
CA ASP A 259 4.58 20.19 17.88
C ASP A 259 4.78 20.69 16.46
N LEU A 260 4.56 19.83 15.47
CA LEU A 260 4.97 20.15 14.11
C LEU A 260 4.32 21.45 13.63
N LEU A 261 3.02 21.60 13.83
CA LEU A 261 2.35 22.78 13.29
C LEU A 261 2.58 24.05 14.10
N ARG A 262 3.19 23.98 15.29
CA ARG A 262 3.51 25.20 16.02
C ARG A 262 4.98 25.59 15.96
N ASP A 263 5.78 24.89 15.18
CA ASP A 263 7.22 25.13 15.20
C ASP A 263 7.57 26.32 14.30
N PRO A 264 8.35 27.29 14.79
CA PRO A 264 8.70 28.43 13.94
C PRO A 264 9.50 28.05 12.71
N GLY A 265 10.32 27.02 12.80
CA GLY A 265 11.09 26.61 11.63
C GLY A 265 10.21 26.04 10.55
N VAL A 266 9.25 25.19 10.94
CA VAL A 266 8.23 24.72 10.00
C VAL A 266 7.53 25.90 9.34
N ALA A 267 7.11 26.87 10.15
CA ALA A 267 6.33 27.97 9.60
C ALA A 267 7.14 28.79 8.62
N ARG A 268 8.42 29.03 8.96
CA ARG A 268 9.32 29.74 8.05
C ARG A 268 9.44 29.02 6.72
N ALA A 269 9.60 27.70 6.77
CA ALA A 269 9.74 26.93 5.53
C ALA A 269 8.45 26.94 4.73
N VAL A 270 7.31 26.78 5.41
CA VAL A 270 6.03 26.77 4.71
C VAL A 270 5.76 28.11 4.04
N ALA A 271 6.04 29.22 4.75
CA ALA A 271 5.84 30.54 4.13
C ALA A 271 6.64 30.67 2.85
N ARG A 272 7.85 30.12 2.83
CA ARG A 272 8.64 30.17 1.60
C ARG A 272 8.07 29.23 0.53
N LEU A 273 7.56 28.06 0.92
CA LEU A 273 6.91 27.17 -0.05
C LEU A 273 5.68 27.82 -0.67
N LEU A 274 5.04 28.73 0.05
CA LEU A 274 3.80 29.34 -0.43
C LEU A 274 4.04 30.66 -1.16
N ALA A 275 5.23 31.25 -1.01
CA ALA A 275 5.51 32.54 -1.60
C ALA A 275 5.45 32.44 -3.11
N ARG B 8 11.55 -15.07 -28.51
CA ARG B 8 12.53 -14.91 -27.43
C ARG B 8 11.90 -15.15 -26.06
N ALA B 9 12.55 -15.98 -25.24
CA ALA B 9 12.01 -16.32 -23.92
C ALA B 9 12.90 -15.83 -22.78
N TRP B 10 14.06 -15.25 -23.09
CA TRP B 10 15.02 -14.79 -22.09
C TRP B 10 15.58 -13.44 -22.54
N ARG B 11 15.91 -12.60 -21.57
CA ARG B 11 16.51 -11.29 -21.85
C ARG B 11 17.72 -11.12 -20.93
N PRO B 12 18.90 -10.84 -21.49
CA PRO B 12 20.05 -10.53 -20.62
C PRO B 12 19.82 -9.23 -19.88
N ILE B 13 20.04 -9.28 -18.57
CA ILE B 13 19.94 -8.09 -17.72
C ILE B 13 21.26 -7.74 -17.05
N ALA B 14 22.30 -8.56 -17.22
CA ALA B 14 23.63 -8.25 -16.73
C ALA B 14 24.63 -9.00 -17.60
N GLY B 15 25.81 -8.37 -17.80
CA GLY B 15 26.73 -8.84 -18.81
C GLY B 15 27.79 -9.76 -18.27
N GLY B 16 28.42 -10.53 -19.16
CA GLY B 16 29.48 -11.46 -18.73
C GLY B 16 30.22 -12.07 -19.91
N PRO B 17 31.19 -12.98 -19.69
CA PRO B 17 31.93 -13.60 -20.78
C PRO B 17 31.05 -14.62 -21.52
N GLY B 20 31.50 -18.09 -19.77
CA GLY B 20 31.40 -18.15 -18.30
C GLY B 20 30.08 -18.82 -17.90
N PRO B 21 29.87 -19.32 -16.66
CA PRO B 21 28.59 -19.94 -16.27
C PRO B 21 27.48 -18.88 -16.19
N LEU B 22 26.32 -19.18 -16.77
CA LEU B 22 25.21 -18.24 -16.88
C LEU B 22 24.26 -18.39 -15.70
N VAL B 23 23.67 -17.28 -15.26
CA VAL B 23 22.64 -17.30 -14.22
C VAL B 23 21.29 -17.00 -14.88
N LEU B 24 20.28 -17.81 -14.57
CA LEU B 24 18.91 -17.58 -15.04
C LEU B 24 18.10 -17.05 -13.87
N ALA B 25 17.21 -16.10 -14.15
CA ALA B 25 16.35 -15.53 -13.11
C ALA B 25 14.91 -15.51 -13.60
N VAL B 26 13.99 -16.10 -12.83
CA VAL B 26 12.61 -16.27 -13.27
C VAL B 26 11.69 -15.42 -12.41
N ASP B 27 10.85 -14.62 -13.07
CA ASP B 27 9.97 -13.66 -12.42
C ASP B 27 9.02 -13.15 -13.50
N PHE B 28 7.96 -12.47 -13.08
CA PHE B 28 7.04 -11.84 -14.03
C PHE B 28 7.33 -10.35 -14.05
N ALA B 29 7.92 -9.89 -15.15
CA ALA B 29 8.29 -8.49 -15.32
C ALA B 29 7.04 -7.62 -15.38
N ALA B 30 6.96 -6.63 -14.49
CA ALA B 30 5.80 -5.75 -14.37
C ALA B 30 6.30 -4.36 -14.03
N THR B 31 6.37 -3.48 -15.03
CA THR B 31 6.84 -2.12 -14.79
C THR B 31 5.95 -1.43 -13.77
N GLY B 32 6.57 -0.89 -12.71
CA GLY B 32 5.81 -0.23 -11.68
C GLY B 32 5.02 -1.16 -10.78
N ARG B 33 5.44 -2.42 -10.64
CA ARG B 33 4.89 -3.24 -9.57
C ARG B 33 5.52 -2.80 -8.24
N PRO B 34 4.92 -3.14 -7.10
CA PRO B 34 5.46 -2.64 -5.82
C PRO B 34 6.79 -3.28 -5.40
N GLU B 35 7.09 -4.49 -5.88
CA GLU B 35 8.23 -5.27 -5.39
C GLU B 35 9.47 -5.02 -6.24
N ALA B 36 10.61 -4.82 -5.56
CA ALA B 36 11.91 -4.79 -6.22
C ALA B 36 12.09 -6.05 -7.09
N ALA B 37 12.88 -5.92 -8.15
CA ALA B 37 13.01 -6.91 -9.20
C ALA B 37 14.44 -7.41 -9.32
N PHE B 38 14.64 -8.41 -10.19
CA PHE B 38 15.99 -8.93 -10.35
C PHE B 38 16.95 -7.89 -10.91
N ALA B 39 16.45 -6.88 -11.65
CA ALA B 39 17.33 -5.79 -12.06
C ALA B 39 17.96 -5.10 -10.86
N ASP B 40 17.20 -4.95 -9.77
CA ASP B 40 17.73 -4.32 -8.56
C ASP B 40 18.79 -5.20 -7.91
N LEU B 41 18.58 -6.52 -7.93
CA LEU B 41 19.54 -7.45 -7.36
C LEU B 41 20.84 -7.50 -8.15
N VAL B 42 20.74 -7.66 -9.47
CA VAL B 42 21.95 -7.84 -10.27
C VAL B 42 22.78 -6.56 -10.29
N ALA B 43 22.14 -5.40 -10.10
CA ALA B 43 22.91 -4.14 -9.95
C ALA B 43 23.89 -4.24 -8.79
N ARG B 44 23.56 -5.06 -7.81
CA ARG B 44 24.32 -5.18 -6.58
C ARG B 44 25.17 -6.43 -6.52
N LEU B 45 25.23 -7.20 -7.61
CA LEU B 45 26.04 -8.41 -7.62
C LEU B 45 27.40 -8.13 -8.21
N ASP B 46 28.28 -9.12 -8.10
CA ASP B 46 29.61 -9.01 -8.66
C ASP B 46 29.54 -8.71 -10.15
N PRO B 47 30.24 -7.69 -10.62
CA PRO B 47 30.39 -7.49 -12.05
C PRO B 47 30.97 -8.73 -12.71
N GLY B 48 30.52 -8.97 -13.94
CA GLY B 48 30.89 -10.17 -14.66
C GLY B 48 29.92 -11.31 -14.49
N THR B 49 28.92 -11.16 -13.62
CA THR B 49 27.87 -12.17 -13.47
C THR B 49 26.90 -11.96 -14.62
N GLU B 50 26.91 -12.86 -15.62
CA GLU B 50 25.92 -12.77 -16.69
C GLU B 50 24.60 -13.38 -16.23
N VAL B 51 23.51 -12.64 -16.39
CA VAL B 51 22.20 -13.02 -15.89
C VAL B 51 21.17 -12.81 -16.99
N TRP B 52 20.31 -13.82 -17.21
CA TRP B 52 19.18 -13.69 -18.11
C TRP B 52 17.90 -13.72 -17.29
N GLU B 53 16.97 -12.82 -17.59
CA GLU B 53 15.67 -12.83 -16.93
C GLU B 53 14.63 -13.45 -17.86
N SER B 54 13.72 -14.22 -17.28
CA SER B 54 12.66 -14.86 -18.05
C SER B 54 11.72 -13.82 -18.66
N LEU B 55 11.41 -13.98 -19.96
CA LEU B 55 10.35 -13.23 -20.62
C LEU B 55 9.07 -14.07 -20.67
N GLN B 56 7.92 -13.40 -20.63
CA GLN B 56 6.65 -14.07 -20.88
C GLN B 56 6.40 -14.24 -22.37
N PRO B 57 5.54 -15.19 -22.75
CA PRO B 57 5.10 -15.27 -24.13
C PRO B 57 4.49 -13.95 -24.56
N PRO B 58 4.54 -13.63 -25.85
CA PRO B 58 3.84 -12.43 -26.34
C PRO B 58 2.38 -12.42 -25.85
N LEU B 59 1.91 -11.23 -25.50
CA LEU B 59 0.60 -11.07 -24.86
C LEU B 59 -0.49 -11.79 -25.64
N GLY B 60 -1.27 -12.60 -24.91
CA GLY B 60 -2.34 -13.38 -25.50
C GLY B 60 -1.94 -14.78 -25.94
N THR B 61 -0.68 -14.97 -26.38
CA THR B 61 -0.26 -16.29 -26.82
C THR B 61 -0.06 -17.28 -25.67
N GLU B 62 -0.06 -16.79 -24.43
CA GLU B 62 0.02 -17.68 -23.28
C GLU B 62 -1.31 -18.36 -23.00
N THR B 63 -2.40 -17.89 -23.62
CA THR B 63 -3.65 -18.61 -23.58
C THR B 63 -3.46 -19.90 -24.35
N GLY B 64 -3.77 -21.01 -23.72
CA GLY B 64 -3.50 -22.29 -24.30
C GLY B 64 -2.19 -22.91 -23.89
N MET B 65 -1.33 -22.18 -23.16
CA MET B 65 -0.14 -22.82 -22.65
C MET B 65 -0.36 -23.29 -21.21
N VAL B 66 0.15 -24.48 -20.91
CA VAL B 66 0.21 -24.98 -19.54
C VAL B 66 1.65 -24.91 -19.06
N ALA B 67 1.88 -25.36 -17.81
CA ALA B 67 3.21 -25.25 -17.19
C ALA B 67 4.27 -25.90 -18.06
N GLU B 68 3.98 -27.08 -18.61
CA GLU B 68 4.93 -27.76 -19.48
C GLU B 68 5.32 -26.90 -20.68
N ASP B 69 4.36 -26.15 -21.24
CA ASP B 69 4.67 -25.30 -22.39
C ASP B 69 5.57 -24.14 -21.97
N TYR B 70 5.28 -23.54 -20.81
CA TYR B 70 6.14 -22.46 -20.31
C TYR B 70 7.54 -22.95 -20.11
N VAL B 71 7.68 -24.10 -19.43
CA VAL B 71 9.00 -24.61 -19.04
C VAL B 71 9.80 -25.02 -20.27
N THR B 72 9.15 -25.77 -21.20
CA THR B 72 9.85 -26.17 -22.40
C THR B 72 10.30 -24.97 -23.22
N ARG B 73 9.53 -23.90 -23.25
CA ARG B 73 9.92 -22.73 -24.01
C ARG B 73 11.19 -22.13 -23.41
N TRP B 74 11.23 -22.02 -22.09
CA TRP B 74 12.43 -21.51 -21.42
C TRP B 74 13.60 -22.47 -21.57
N GLU B 75 13.34 -23.77 -21.41
CA GLU B 75 14.42 -24.75 -21.41
C GLU B 75 15.03 -24.91 -22.79
N GLU B 76 14.21 -24.90 -23.83
CA GLU B 76 14.73 -25.09 -25.18
C GLU B 76 15.59 -23.93 -25.66
N GLU B 77 15.28 -22.70 -25.23
CA GLU B 77 16.16 -21.59 -25.59
C GLU B 77 17.52 -21.73 -24.92
N VAL B 78 17.55 -22.22 -23.69
CA VAL B 78 18.84 -22.46 -23.03
C VAL B 78 19.60 -23.55 -23.76
N ARG B 79 18.91 -24.64 -24.10
CA ARG B 79 19.54 -25.71 -24.87
C ARG B 79 20.17 -25.16 -26.13
N ALA B 80 19.38 -24.39 -26.90
CA ALA B 80 19.84 -23.83 -28.15
C ALA B 80 21.08 -22.95 -27.98
N SER B 81 21.20 -22.24 -26.87
CA SER B 81 22.33 -21.33 -26.67
C SER B 81 23.65 -22.07 -26.50
N GLY B 82 23.61 -23.32 -26.06
CA GLY B 82 24.83 -24.05 -25.76
C GLY B 82 25.47 -23.69 -24.44
N ARG B 83 24.90 -22.75 -23.69
CA ARG B 83 25.52 -22.28 -22.46
C ARG B 83 25.30 -23.27 -21.32
N ARG B 84 26.23 -23.28 -20.37
CA ARG B 84 26.05 -23.98 -19.11
C ARG B 84 25.45 -23.01 -18.10
N ILE B 85 24.53 -23.50 -17.28
CA ILE B 85 23.85 -22.71 -16.28
C ILE B 85 24.49 -22.97 -14.92
N GLY B 86 25.01 -21.92 -14.29
CA GLY B 86 25.57 -22.10 -12.97
C GLY B 86 24.58 -21.96 -11.83
N ALA B 87 23.52 -21.19 -12.04
CA ALA B 87 22.54 -20.95 -10.99
C ALA B 87 21.22 -20.57 -11.61
N VAL B 88 20.13 -20.98 -10.96
CA VAL B 88 18.78 -20.53 -11.32
C VAL B 88 18.20 -19.82 -10.12
N LEU B 89 17.71 -18.60 -10.34
CA LEU B 89 17.07 -17.78 -9.32
C LEU B 89 15.58 -17.65 -9.65
N GLY B 90 14.76 -17.53 -8.61
CA GLY B 90 13.35 -17.21 -8.84
C GLY B 90 12.85 -16.36 -7.69
N PHE B 91 11.88 -15.51 -8.00
CA PHE B 91 11.24 -14.64 -7.02
C PHE B 91 9.76 -14.97 -6.96
N CYS B 92 9.24 -15.13 -5.75
CA CYS B 92 7.79 -15.31 -5.53
C CYS B 92 7.33 -16.52 -6.34
N ALA B 93 6.28 -16.41 -7.15
CA ALA B 93 5.78 -17.56 -7.91
C ALA B 93 6.80 -18.03 -8.93
N GLY B 94 7.67 -17.12 -9.39
CA GLY B 94 8.73 -17.52 -10.29
C GLY B 94 9.64 -18.57 -9.71
N SER B 95 9.65 -18.70 -8.38
CA SER B 95 10.44 -19.74 -7.73
C SER B 95 10.00 -21.12 -8.16
N ALA B 96 8.71 -21.30 -8.45
CA ALA B 96 8.23 -22.61 -8.90
C ALA B 96 8.88 -22.98 -10.23
N PHE B 97 8.80 -22.09 -11.23
CA PHE B 97 9.44 -22.35 -12.51
C PHE B 97 10.95 -22.45 -12.36
N ALA B 98 11.56 -21.61 -11.51
CA ALA B 98 12.99 -21.72 -11.29
C ALA B 98 13.37 -23.13 -10.82
N GLY B 99 12.59 -23.68 -9.89
CA GLY B 99 12.90 -24.99 -9.38
C GLY B 99 12.78 -26.08 -10.44
N GLU B 100 11.71 -26.03 -11.24
CA GLU B 100 11.58 -27.01 -12.31
C GLU B 100 12.72 -26.90 -13.31
N LEU B 101 13.11 -25.67 -13.66
CA LEU B 101 14.22 -25.51 -14.59
C LEU B 101 15.52 -26.03 -13.99
N ALA B 102 15.76 -25.76 -12.70
CA ALA B 102 16.98 -26.23 -12.04
C ALA B 102 17.02 -27.75 -12.01
N VAL B 103 15.87 -28.38 -11.71
CA VAL B 103 15.82 -29.85 -11.68
C VAL B 103 16.10 -30.42 -13.06
N ARG B 104 15.54 -29.81 -14.11
CA ARG B 104 15.81 -30.29 -15.47
C ARG B 104 17.26 -30.10 -15.86
N LEU B 105 17.86 -28.96 -15.47
CA LEU B 105 19.25 -28.73 -15.78
C LEU B 105 20.18 -29.63 -14.99
N ALA B 106 19.77 -30.04 -13.79
CA ALA B 106 20.57 -31.01 -13.06
C ALA B 106 20.62 -32.33 -13.82
N ARG B 107 19.58 -32.61 -14.60
CA ARG B 107 19.57 -33.84 -15.37
C ARG B 107 20.31 -33.67 -16.69
N SER B 108 20.21 -32.50 -17.33
CA SER B 108 20.82 -32.30 -18.64
C SER B 108 22.26 -31.80 -18.58
N GLN B 109 22.75 -31.34 -17.40
CA GLN B 109 24.13 -30.89 -17.26
C GLN B 109 24.95 -31.87 -16.42
N PRO B 110 26.25 -31.99 -16.72
CA PRO B 110 27.11 -32.82 -15.87
C PRO B 110 27.13 -32.35 -14.42
N ARG B 111 27.05 -31.04 -14.21
CA ARG B 111 27.06 -30.45 -12.89
C ARG B 111 25.79 -29.62 -12.70
N SER B 112 25.10 -29.84 -11.59
CA SER B 112 23.82 -29.21 -11.38
C SER B 112 23.98 -27.73 -11.05
N PRO B 113 23.05 -26.90 -11.49
CA PRO B 113 23.10 -25.48 -11.11
C PRO B 113 22.66 -25.30 -9.66
N ARG B 114 23.13 -24.20 -9.07
CA ARG B 114 22.61 -23.82 -7.76
C ARG B 114 21.22 -23.22 -7.92
N LEU B 115 20.36 -23.47 -6.96
CA LEU B 115 18.99 -22.98 -7.01
C LEU B 115 18.74 -22.09 -5.81
N VAL B 116 18.40 -20.83 -6.06
CA VAL B 116 18.11 -19.87 -4.99
C VAL B 116 16.75 -19.27 -5.25
N VAL B 117 15.86 -19.38 -4.27
CA VAL B 117 14.50 -18.88 -4.41
C VAL B 117 14.25 -17.81 -3.36
N PHE B 118 13.59 -16.72 -3.78
CA PHE B 118 13.40 -15.52 -2.99
C PHE B 118 11.91 -15.40 -2.66
N ASP B 119 11.55 -15.52 -1.38
CA ASP B 119 10.17 -15.60 -0.90
C ASP B 119 9.36 -16.52 -1.84
N PRO B 120 9.76 -17.78 -1.97
CA PRO B 120 9.10 -18.67 -2.92
C PRO B 120 7.63 -18.88 -2.56
N GLU B 121 6.78 -18.87 -3.58
CA GLU B 121 5.35 -19.14 -3.41
C GLU B 121 4.86 -20.07 -4.49
N SER B 122 4.04 -21.02 -4.08
CA SER B 122 3.27 -21.79 -5.04
C SER B 122 1.86 -21.25 -4.96
N PRO B 123 1.37 -20.53 -5.97
CA PRO B 123 0.15 -19.73 -5.77
C PRO B 123 -1.05 -20.57 -5.36
N THR B 124 -1.87 -20.01 -4.49
CA THR B 124 -3.09 -20.63 -3.99
C THR B 124 -4.27 -19.74 -4.35
N THR B 125 -5.49 -20.22 -4.05
CA THR B 125 -6.65 -19.35 -4.19
C THR B 125 -6.49 -18.07 -3.34
N SER B 126 -5.87 -18.20 -2.16
CA SER B 126 -5.66 -17.04 -1.29
C SER B 126 -4.72 -16.02 -1.94
N THR B 127 -3.57 -16.46 -2.44
CA THR B 127 -2.65 -15.49 -3.01
C THR B 127 -3.21 -14.90 -4.30
N LEU B 128 -3.91 -15.68 -5.13
CA LEU B 128 -4.60 -15.11 -6.27
C LEU B 128 -5.54 -13.99 -5.86
N TYR B 129 -6.39 -14.26 -4.87
CA TYR B 129 -7.39 -13.28 -4.46
C TYR B 129 -6.76 -12.01 -3.91
N TYR B 130 -5.79 -12.16 -2.99
CA TYR B 130 -5.13 -11.00 -2.41
C TYR B 130 -4.49 -10.13 -3.48
N GLN B 131 -3.74 -10.74 -4.40
CA GLN B 131 -3.11 -9.97 -5.46
C GLN B 131 -4.15 -9.28 -6.33
N PHE B 132 -5.27 -9.95 -6.57
CA PHE B 132 -6.37 -9.35 -7.30
C PHE B 132 -6.89 -8.09 -6.60
N ARG B 133 -7.05 -8.16 -5.27
CA ARG B 133 -7.44 -6.98 -4.51
C ARG B 133 -6.45 -5.84 -4.72
N LYS B 134 -5.17 -6.12 -4.47
CA LYS B 134 -4.14 -5.10 -4.58
C LYS B 134 -4.12 -4.47 -5.97
N VAL B 135 -4.34 -5.29 -7.00
CA VAL B 135 -4.38 -4.77 -8.37
C VAL B 135 -5.53 -3.79 -8.53
N VAL B 136 -6.73 -4.20 -8.12
CA VAL B 136 -7.90 -3.34 -8.24
C VAL B 136 -7.72 -2.07 -7.41
N GLU B 137 -7.23 -2.22 -6.17
CA GLU B 137 -7.02 -1.06 -5.32
C GLU B 137 -6.07 -0.06 -5.99
N SER B 138 -4.94 -0.54 -6.51
CA SER B 138 -4.00 0.36 -7.18
C SER B 138 -4.65 1.07 -8.36
N LEU B 139 -5.59 0.40 -9.03
CA LEU B 139 -6.27 0.96 -10.19
C LEU B 139 -7.60 1.62 -9.81
N ALA B 140 -7.61 2.26 -8.65
CA ALA B 140 -8.82 2.96 -8.14
C ALA B 140 -8.92 4.35 -8.79
N GLY B 141 -8.01 4.64 -9.73
CA GLY B 141 -8.00 5.93 -10.44
C GLY B 141 -8.23 5.77 -11.93
N VAL B 142 -8.08 4.55 -12.44
CA VAL B 142 -8.27 4.27 -13.89
C VAL B 142 -9.67 3.69 -14.11
N ALA B 148 -14.93 -1.16 -9.95
CA ALA B 148 -14.11 -0.96 -8.74
C ALA B 148 -14.86 -1.50 -7.53
N ARG B 149 -16.19 -1.50 -7.67
CA ARG B 149 -17.24 -1.95 -6.71
C ARG B 149 -17.64 -3.30 -7.31
N GLU B 150 -17.82 -3.36 -8.63
CA GLU B 150 -18.03 -4.63 -9.38
C GLU B 150 -16.69 -5.31 -9.73
N ALA B 151 -15.63 -5.01 -8.96
CA ALA B 151 -14.26 -5.55 -8.98
C ALA B 151 -13.97 -6.09 -7.58
N LEU B 152 -13.78 -5.22 -6.57
CA LEU B 152 -13.32 -5.73 -5.29
C LEU B 152 -14.34 -6.69 -4.68
N ALA B 153 -15.63 -6.38 -4.78
CA ALA B 153 -16.65 -7.23 -4.19
C ALA B 153 -16.90 -8.48 -5.01
N GLU B 154 -16.96 -8.34 -6.34
CA GLU B 154 -17.20 -9.51 -7.19
C GLU B 154 -16.04 -10.48 -7.15
N GLY B 155 -14.81 -9.97 -6.96
CA GLY B 155 -13.68 -10.85 -6.74
C GLY B 155 -13.77 -11.53 -5.39
N THR B 156 -14.16 -10.78 -4.36
CA THR B 156 -14.36 -11.37 -3.04
C THR B 156 -15.46 -12.41 -3.07
N ALA B 157 -16.49 -12.18 -3.89
CA ALA B 157 -17.55 -13.17 -4.07
C ALA B 157 -16.99 -14.43 -4.74
N ALA B 158 -16.20 -14.25 -5.80
CA ALA B 158 -15.70 -15.41 -6.54
C ALA B 158 -14.74 -16.25 -5.71
N ALA B 159 -13.98 -15.63 -4.80
CA ALA B 159 -13.06 -16.39 -3.96
C ALA B 159 -13.84 -17.24 -2.95
N ASP B 160 -14.92 -16.70 -2.40
CA ASP B 160 -15.79 -17.46 -1.50
C ASP B 160 -16.53 -18.59 -2.21
N ARG B 161 -16.49 -18.61 -3.54
CA ARG B 161 -17.31 -19.51 -4.35
C ARG B 161 -16.54 -20.62 -5.04
N ILE B 162 -15.29 -20.38 -5.42
CA ILE B 162 -14.53 -21.28 -6.30
C ILE B 162 -13.29 -21.75 -5.55
N GLY B 163 -13.14 -23.08 -5.44
CA GLY B 163 -12.14 -23.65 -4.56
C GLY B 163 -10.80 -24.04 -5.16
N ASP B 164 -10.70 -24.16 -6.48
CA ASP B 164 -9.44 -24.54 -7.11
C ASP B 164 -8.73 -23.33 -7.70
N VAL B 165 -7.40 -23.40 -7.71
CA VAL B 165 -6.56 -22.29 -8.21
C VAL B 165 -6.90 -21.97 -9.66
N GLU B 166 -6.99 -23.00 -10.49
CA GLU B 166 -7.16 -22.80 -11.91
C GLU B 166 -8.51 -22.14 -12.20
N GLY B 167 -9.59 -22.64 -11.59
CA GLY B 167 -10.90 -22.02 -11.79
C GLY B 167 -10.99 -20.61 -11.26
N LEU B 168 -10.43 -20.36 -10.07
CA LEU B 168 -10.50 -19.01 -9.52
C LEU B 168 -9.72 -18.05 -10.40
N GLY B 169 -8.58 -18.51 -10.94
CA GLY B 169 -7.78 -17.64 -11.80
C GLY B 169 -8.57 -17.15 -13.00
N ALA B 170 -9.24 -18.07 -13.69
CA ALA B 170 -10.02 -17.71 -14.87
C ALA B 170 -11.19 -16.79 -14.53
N GLU B 171 -11.79 -16.95 -13.35
CA GLU B 171 -12.90 -16.07 -12.96
C GLU B 171 -12.41 -14.68 -12.58
N LEU B 172 -11.25 -14.57 -11.94
CA LEU B 172 -10.75 -13.25 -11.59
C LEU B 172 -10.34 -12.49 -12.83
N VAL B 173 -9.89 -13.20 -13.86
CA VAL B 173 -9.56 -12.54 -15.11
C VAL B 173 -10.82 -12.00 -15.78
N ARG B 174 -11.91 -12.77 -15.72
CA ARG B 174 -13.18 -12.29 -16.27
C ARG B 174 -13.69 -11.05 -15.55
N VAL B 175 -13.63 -11.05 -14.22
CA VAL B 175 -14.04 -9.87 -13.46
C VAL B 175 -13.17 -8.68 -13.82
N PHE B 176 -11.85 -8.87 -13.87
CA PHE B 176 -10.96 -7.77 -14.20
C PHE B 176 -11.15 -7.29 -15.63
N THR B 177 -11.26 -8.23 -16.58
CA THR B 177 -11.47 -7.86 -17.97
C THR B 177 -12.76 -7.05 -18.13
N ALA B 178 -13.85 -7.58 -17.57
CA ALA B 178 -15.12 -6.86 -17.60
C ALA B 178 -15.00 -5.50 -16.93
N ALA B 179 -14.27 -5.43 -15.82
CA ALA B 179 -14.07 -4.14 -15.16
C ALA B 179 -13.32 -3.17 -16.06
N GLY B 180 -12.35 -3.67 -16.82
CA GLY B 180 -11.67 -2.81 -17.78
C GLY B 180 -12.58 -2.39 -18.92
N ARG B 181 -13.38 -3.34 -19.41
CA ARG B 181 -14.32 -3.08 -20.54
C ARG B 181 -15.37 -2.06 -20.08
N ALA B 182 -15.73 -2.09 -18.79
CA ALA B 182 -16.74 -1.17 -18.23
C ALA B 182 -16.13 0.24 -18.12
N ALA B 183 -14.89 0.33 -17.63
CA ALA B 183 -14.19 1.62 -17.47
C ALA B 183 -13.95 2.26 -18.86
N CYS B 184 -13.64 1.41 -19.85
CA CYS B 184 -13.39 1.90 -21.23
C CYS B 184 -14.67 2.52 -21.80
N ALA B 185 -15.82 1.89 -21.55
CA ALA B 185 -17.12 2.39 -22.04
C ALA B 185 -17.50 3.67 -21.28
N ALA B 186 -17.10 3.76 -20.01
CA ALA B 186 -17.41 4.94 -19.17
C ALA B 186 -16.21 5.89 -19.16
N LEU B 189 -11.76 5.51 -19.75
CA LEU B 189 -10.42 4.86 -19.78
C LEU B 189 -10.01 4.60 -21.23
N ASP B 190 -8.73 4.84 -21.55
CA ASP B 190 -8.20 4.63 -22.93
C ASP B 190 -8.43 3.17 -23.33
N ASP B 191 -8.89 2.95 -24.56
CA ASP B 191 -9.14 1.57 -25.08
C ASP B 191 -7.83 0.79 -25.10
N GLU B 192 -6.81 1.32 -25.78
CA GLU B 192 -5.52 0.67 -25.89
C GLU B 192 -4.91 0.44 -24.50
N PHE B 193 -5.09 1.39 -23.58
CA PHE B 193 -4.65 1.17 -22.21
C PHE B 193 -5.46 0.07 -21.54
N ALA B 194 -6.75 -0.01 -21.85
CA ALA B 194 -7.60 -1.03 -21.22
C ALA B 194 -7.24 -2.43 -21.72
N ASP B 195 -7.03 -2.58 -23.03
CA ASP B 195 -6.61 -3.87 -23.55
C ASP B 195 -5.22 -4.26 -23.04
N GLU B 196 -4.32 -3.29 -22.96
CA GLU B 196 -3.01 -3.54 -22.37
C GLU B 196 -3.15 -4.00 -20.93
N LEU B 197 -3.98 -3.31 -20.14
CA LEU B 197 -4.15 -3.62 -18.73
C LEU B 197 -4.73 -5.01 -18.54
N THR B 198 -5.82 -5.31 -19.25
CA THR B 198 -6.50 -6.59 -19.06
C THR B 198 -5.66 -7.74 -19.61
N ALA B 199 -4.98 -7.52 -20.74
CA ALA B 199 -4.14 -8.58 -21.30
C ALA B 199 -2.95 -8.88 -20.40
N THR B 200 -2.39 -7.85 -19.76
CA THR B 200 -1.28 -8.08 -18.85
C THR B 200 -1.74 -8.83 -17.61
N TYR B 201 -2.87 -8.45 -17.05
CA TYR B 201 -3.37 -9.19 -15.90
C TYR B 201 -3.71 -10.62 -16.28
N ARG B 202 -4.24 -10.83 -17.49
CA ARG B 202 -4.53 -12.20 -17.91
C ARG B 202 -3.25 -13.01 -18.02
N SER B 203 -2.20 -12.40 -18.60
CA SER B 203 -0.90 -13.09 -18.70
C SER B 203 -0.36 -13.41 -17.33
N PHE B 204 -0.53 -12.49 -16.38
CA PHE B 204 0.01 -12.69 -15.04
C PHE B 204 -0.70 -13.85 -14.34
N VAL B 205 -2.02 -13.89 -14.41
CA VAL B 205 -2.73 -15.01 -13.80
C VAL B 205 -2.40 -16.33 -14.51
N SER B 206 -2.29 -16.31 -15.85
CA SER B 206 -1.88 -17.52 -16.56
C SER B 206 -0.54 -18.04 -16.03
N TYR B 207 0.40 -17.12 -15.85
CA TYR B 207 1.71 -17.46 -15.30
C TYR B 207 1.59 -18.00 -13.88
N LEU B 208 0.77 -17.37 -13.04
CA LEU B 208 0.61 -17.83 -11.66
C LEU B 208 -0.01 -19.21 -11.60
N VAL B 209 -1.03 -19.45 -12.43
CA VAL B 209 -1.70 -20.75 -12.39
C VAL B 209 -0.76 -21.84 -12.87
N ALA B 210 0.02 -21.56 -13.92
CA ALA B 210 0.98 -22.54 -14.39
C ALA B 210 2.07 -22.77 -13.33
N ALA B 211 2.54 -21.70 -12.67
CA ALA B 211 3.50 -21.88 -11.59
C ALA B 211 2.95 -22.79 -10.49
N ALA B 212 1.68 -22.59 -10.14
CA ALA B 212 1.07 -23.44 -9.12
C ALA B 212 1.05 -24.90 -9.51
N ALA B 213 1.07 -25.19 -10.82
CA ALA B 213 1.02 -26.60 -11.24
C ALA B 213 2.36 -27.32 -11.09
N VAL B 214 3.46 -26.58 -10.95
CA VAL B 214 4.75 -27.21 -10.73
C VAL B 214 4.73 -27.97 -9.41
N ASP B 215 5.38 -29.13 -9.40
CA ASP B 215 5.61 -29.90 -8.17
C ASP B 215 6.67 -29.20 -7.33
N HIS B 216 6.27 -28.23 -6.52
CA HIS B 216 7.25 -27.43 -5.79
C HIS B 216 7.87 -28.19 -4.63
N VAL B 217 7.19 -29.20 -4.09
CA VAL B 217 7.81 -30.03 -3.07
C VAL B 217 9.03 -30.76 -3.64
N LYS B 218 8.87 -31.35 -4.83
CA LYS B 218 10.01 -31.98 -5.49
C LYS B 218 11.07 -30.95 -5.84
N CYS B 219 10.65 -29.84 -6.45
CA CYS B 219 11.61 -28.95 -7.09
C CYS B 219 12.37 -28.06 -6.12
N TRP B 220 11.87 -27.83 -4.91
CA TRP B 220 12.54 -26.97 -3.95
C TRP B 220 13.33 -27.75 -2.91
N SER B 221 13.33 -29.08 -2.97
CA SER B 221 14.05 -29.85 -1.96
C SER B 221 15.53 -29.50 -1.90
N GLY B 222 16.13 -29.07 -3.01
CA GLY B 222 17.53 -28.68 -3.06
C GLY B 222 17.76 -27.18 -3.10
N ALA B 223 16.72 -26.39 -2.86
CA ALA B 223 16.82 -24.94 -2.98
C ALA B 223 17.36 -24.32 -1.70
N VAL B 224 18.10 -23.23 -1.88
CA VAL B 224 18.36 -22.29 -0.80
C VAL B 224 17.31 -21.20 -0.91
N ALA B 225 16.55 -20.99 0.16
CA ALA B 225 15.52 -19.96 0.18
C ALA B 225 16.08 -18.71 0.83
N VAL B 226 15.67 -17.56 0.32
CA VAL B 226 15.97 -16.25 0.88
C VAL B 226 14.63 -15.64 1.25
N SER B 227 14.43 -15.40 2.55
CA SER B 227 13.10 -15.04 3.07
C SER B 227 13.11 -13.63 3.62
N SER B 228 12.07 -12.86 3.28
CA SER B 228 11.83 -11.56 3.89
C SER B 228 11.18 -11.75 5.26
N ALA B 229 10.82 -10.62 5.88
CA ALA B 229 10.16 -10.61 7.17
C ALA B 229 8.66 -10.43 7.06
N THR B 230 8.12 -10.34 5.85
CA THR B 230 6.69 -10.12 5.67
C THR B 230 5.94 -11.39 5.99
N PRO B 231 5.03 -11.39 6.98
CA PRO B 231 4.51 -12.67 7.49
C PRO B 231 3.66 -13.45 6.49
N THR B 232 3.04 -12.79 5.51
CA THR B 232 2.21 -13.51 4.56
C THR B 232 2.96 -13.94 3.30
N SER B 233 4.24 -13.59 3.16
CA SER B 233 5.00 -13.83 1.94
C SER B 233 5.86 -15.09 2.03
N GLY B 234 6.05 -15.73 0.88
CA GLY B 234 7.03 -16.79 0.79
C GLY B 234 6.73 -17.92 1.76
N LEU B 235 7.78 -18.35 2.47
CA LEU B 235 7.65 -19.46 3.40
C LEU B 235 7.17 -19.01 4.78
N ASN B 236 7.05 -17.71 5.01
CA ASN B 236 6.70 -17.23 6.34
C ASN B 236 5.36 -17.76 6.87
N PRO B 237 4.31 -17.99 6.06
CA PRO B 237 3.08 -18.57 6.63
C PRO B 237 3.21 -20.02 7.06
N LEU B 238 4.26 -20.69 6.63
CA LEU B 238 4.40 -22.10 7.02
C LEU B 238 4.89 -22.20 8.45
N ASP B 239 4.60 -23.32 9.09
CA ASP B 239 5.17 -23.52 10.43
C ASP B 239 6.64 -23.89 10.28
N PRO B 240 7.45 -23.64 11.30
CA PRO B 240 8.88 -23.90 11.24
C PRO B 240 9.26 -25.29 10.73
N ALA B 241 8.58 -26.33 11.17
CA ALA B 241 8.97 -27.65 10.68
C ALA B 241 8.58 -27.83 9.21
N ALA B 242 7.51 -27.17 8.76
CA ALA B 242 7.14 -27.25 7.35
C ALA B 242 8.17 -26.53 6.47
N ARG B 243 8.64 -25.36 6.91
CA ARG B 243 9.68 -24.68 6.15
C ARG B 243 10.94 -25.51 6.06
N ALA B 244 11.34 -26.11 7.18
CA ALA B 244 12.61 -26.83 7.23
C ALA B 244 12.58 -28.06 6.33
N ALA B 245 11.41 -28.69 6.22
CA ALA B 245 11.24 -29.85 5.35
C ALA B 245 11.20 -29.47 3.88
N LEU B 246 10.69 -28.27 3.56
CA LEU B 246 10.42 -27.91 2.17
C LEU B 246 11.69 -27.56 1.40
N VAL B 247 12.63 -26.85 2.03
CA VAL B 247 13.82 -26.36 1.33
C VAL B 247 15.06 -26.90 2.02
N GLU B 248 16.19 -26.80 1.31
CA GLU B 248 17.45 -27.32 1.82
C GLU B 248 18.03 -26.40 2.89
N ARG B 249 17.86 -25.09 2.70
CA ARG B 249 18.41 -24.06 3.59
C ARG B 249 17.54 -22.82 3.45
N GLU B 250 17.36 -22.08 4.54
CA GLU B 250 16.56 -20.85 4.53
C GLU B 250 17.32 -19.74 5.25
N LEU B 251 17.75 -18.74 4.49
CA LEU B 251 18.34 -17.53 5.03
C LEU B 251 17.22 -16.53 5.29
N THR B 252 17.29 -15.81 6.39
CA THR B 252 16.27 -14.82 6.69
C THR B 252 16.87 -13.42 6.67
N PHE B 253 16.03 -12.44 6.31
CA PHE B 253 16.41 -11.04 6.25
C PHE B 253 15.30 -10.18 6.81
N ASP B 254 15.65 -9.18 7.62
CA ASP B 254 14.66 -8.32 8.26
C ASP B 254 14.32 -7.15 7.33
N VAL B 255 13.69 -7.49 6.21
CA VAL B 255 13.28 -6.52 5.20
C VAL B 255 11.87 -6.87 4.75
N HIS B 256 11.21 -5.89 4.13
CA HIS B 256 9.90 -6.16 3.53
C HIS B 256 10.08 -7.00 2.27
N HIS B 257 9.07 -7.83 2.01
CA HIS B 257 9.00 -8.59 0.76
C HIS B 257 9.28 -7.69 -0.44
N ALA B 258 8.67 -6.51 -0.47
CA ALA B 258 8.82 -5.61 -1.60
C ALA B 258 10.23 -5.06 -1.75
N ASP B 259 11.08 -5.17 -0.72
CA ASP B 259 12.44 -4.64 -0.76
C ASP B 259 13.49 -5.74 -0.83
N LEU B 260 13.07 -7.01 -0.82
CA LEU B 260 14.02 -8.10 -0.69
C LEU B 260 15.08 -8.05 -1.78
N LEU B 261 14.68 -7.86 -3.03
CA LEU B 261 15.69 -7.94 -4.09
C LEU B 261 16.52 -6.69 -4.24
N ARG B 262 16.22 -5.61 -3.50
CA ARG B 262 17.08 -4.43 -3.53
C ARG B 262 17.92 -4.28 -2.27
N ASP B 263 17.95 -5.30 -1.41
CA ASP B 263 18.66 -5.17 -0.13
C ASP B 263 20.14 -5.52 -0.29
N PRO B 264 21.05 -4.65 0.17
CA PRO B 264 22.48 -4.98 0.06
C PRO B 264 22.88 -6.23 0.81
N GLY B 265 22.26 -6.51 1.96
CA GLY B 265 22.59 -7.73 2.68
C GLY B 265 22.21 -8.97 1.89
N VAL B 266 21.04 -8.92 1.25
CA VAL B 266 20.63 -10.00 0.37
C VAL B 266 21.63 -10.18 -0.76
N ALA B 267 22.03 -9.07 -1.40
CA ALA B 267 22.94 -9.17 -2.53
C ALA B 267 24.30 -9.72 -2.13
N ARG B 268 24.81 -9.30 -0.96
CA ARG B 268 26.07 -9.85 -0.46
C ARG B 268 25.97 -11.35 -0.26
N ALA B 269 24.86 -11.80 0.35
CA ALA B 269 24.69 -13.23 0.58
C ALA B 269 24.53 -13.99 -0.72
N VAL B 270 23.79 -13.42 -1.68
CA VAL B 270 23.63 -14.07 -2.98
C VAL B 270 24.98 -14.20 -3.67
N ALA B 271 25.80 -13.14 -3.65
CA ALA B 271 27.10 -13.24 -4.28
C ALA B 271 27.94 -14.36 -3.67
N ARG B 272 27.82 -14.56 -2.35
CA ARG B 272 28.55 -15.64 -1.69
C ARG B 272 27.99 -17.00 -2.11
N LEU B 273 26.66 -17.11 -2.19
CA LEU B 273 26.05 -18.36 -2.65
C LEU B 273 26.46 -18.70 -4.07
N LEU B 274 26.70 -17.69 -4.92
CA LEU B 274 27.05 -17.94 -6.31
C LEU B 274 28.56 -18.09 -6.51
N ALA B 275 29.37 -17.70 -5.54
CA ALA B 275 30.82 -17.83 -5.68
C ALA B 275 31.22 -19.30 -5.74
S SO4 C . 15.00 25.00 11.20
O1 SO4 C . 14.84 25.34 12.62
O2 SO4 C . 14.87 26.22 10.41
O3 SO4 C . 13.99 24.03 10.81
O4 SO4 C . 16.35 24.45 10.99
CAP HVV D . -6.00 11.89 23.03
CAO HVV D . -6.38 12.38 21.68
CAN HVV D . -6.29 11.75 20.59
CAM HVV D . -6.69 12.60 19.37
CAL HVV D . -6.39 11.60 18.32
CAK HVV D . -6.01 11.71 17.14
CAJ HVV D . -5.68 12.95 16.45
CAI HVV D . -4.43 12.50 15.81
CAH HVV D . -4.09 13.52 14.78
OAC HVV D . -4.06 14.76 15.33
NAD HVV D . -5.08 13.52 13.76
CAE HVV D . -4.62 12.64 12.66
OAB HVV D . -5.25 12.46 11.70
CAF HVV D . -3.33 12.11 13.04
CAG HVV D . -2.78 13.05 14.11
OAA HVV D . -1.94 12.41 14.95
S SO4 E . 22.65 -8.66 6.87
O1 SO4 E . 22.59 -7.20 6.76
O2 SO4 E . 22.70 -9.03 8.29
O3 SO4 E . 23.85 -9.15 6.20
O4 SO4 E . 21.47 -9.24 6.23
CAP HVV F . -1.61 -4.09 -6.80
CAO HVV F . -0.44 -4.59 -7.64
CAN HVV F . -0.20 -5.86 -7.51
CAM HVV F . 0.92 -6.60 -8.23
CAL HVV F . 0.70 -7.91 -7.59
CAK HVV F . 1.55 -8.84 -7.45
CAJ HVV F . 2.98 -8.95 -7.89
CAI HVV F . 3.39 -9.90 -6.79
CAH HVV F . 4.79 -10.42 -6.97
OAC HVV F . 5.68 -9.42 -7.23
NAD HVV F . 4.88 -11.37 -8.02
CAE HVV F . 4.84 -12.72 -7.44
OAB HVV F . 4.89 -13.69 -8.06
CAF HVV F . 4.71 -12.55 -6.02
CAG HVV F . 5.18 -11.17 -5.70
OAA HVV F . 4.60 -10.65 -4.58
#